data_7X15
#
_entry.id   7X15
#
_cell.length_a   100.126
_cell.length_b   100.126
_cell.length_c   163.941
_cell.angle_alpha   90.000
_cell.angle_beta   90.000
_cell.angle_gamma   120.000
#
_symmetry.space_group_name_H-M   'P 61 2 2'
#
loop_
_entity.id
_entity.type
_entity.pdbx_description
1 polymer 'Mitoguardin 2'
2 non-polymer 'FORMIC ACID'
3 non-polymer DI-PALMITOYL-3-SN-PHOSPHATIDYLETHANOLAMINE
4 water water
#
_entity_poly.entity_id   1
_entity_poly.type   'polypeptide(L)'
_entity_poly.pdbx_seq_one_letter_code
;AGSLKPAALYEEALSLVKDGDVACRSLRTELLECYSDQDFLAKLHCVRQAFQVLLLDETHR(MSE)FF(MSE)ETGKQ
(MSE)ISGLLVKANKSPKAFLESYED(MSE)LQYTQREETWPVSK(MSE)ELEGRGVVC(MSE)NFFDIVLDFIL(MSE)
DAFEDLESPPSSVVAVLRNRWLSDSFKETALATACWSVLKAKRRLL(MSE)VPDGFIAHFYVISEHVSPVLAFGFLGPHQ
HLSEVCTIFKQQIVQYLKD(MSE)FDHDKVRFTSVPSLAEDILRLSHRRADIL(MSE)GYLGIE
;
_entity_poly.pdbx_strand_id   A
#
loop_
_chem_comp.id
_chem_comp.type
_chem_comp.name
_chem_comp.formula
FMT non-polymer 'FORMIC ACID' 'C H2 O2'
PEF non-polymer DI-PALMITOYL-3-SN-PHOSPHATIDYLETHANOLAMINE 'C37 H74 N O8 P'
#
# COMPACT_ATOMS: atom_id res chain seq x y z
N ALA A 1 -6.86 -13.04 24.35
CA ALA A 1 -6.40 -14.21 23.61
C ALA A 1 -7.43 -14.62 22.58
N GLY A 2 -8.68 -14.22 22.80
CA GLY A 2 -9.78 -14.47 21.88
C GLY A 2 -9.84 -15.87 21.30
N SER A 3 -9.61 -15.98 20.00
CA SER A 3 -9.65 -17.26 19.32
C SER A 3 -8.26 -17.75 18.96
N LEU A 4 -7.24 -17.06 19.48
CA LEU A 4 -5.85 -17.45 19.25
C LEU A 4 -5.53 -18.80 19.87
N LYS A 5 -5.20 -19.76 19.02
CA LYS A 5 -4.75 -21.07 19.45
C LYS A 5 -3.22 -21.11 19.42
N PRO A 6 -2.60 -22.02 20.18
CA PRO A 6 -1.14 -22.12 20.20
C PRO A 6 -0.54 -22.38 18.82
N ALA A 7 0.44 -21.56 18.45
CA ALA A 7 1.12 -21.72 17.17
C ALA A 7 2.62 -21.56 17.35
N ALA A 8 3.40 -22.36 16.62
CA ALA A 8 4.86 -22.35 16.76
C ALA A 8 5.46 -21.01 16.36
N LEU A 9 5.25 -20.63 15.11
CA LEU A 9 5.80 -19.40 14.57
C LEU A 9 5.35 -18.17 15.35
N TYR A 10 4.05 -18.13 15.66
CA TYR A 10 3.48 -17.00 16.38
C TYR A 10 4.14 -16.80 17.73
N GLU A 11 4.37 -17.89 18.46
CA GLU A 11 4.96 -17.81 19.79
C GLU A 11 6.44 -17.48 19.71
N GLU A 12 7.11 -18.05 18.70
CA GLU A 12 8.49 -17.68 18.41
C GLU A 12 8.63 -16.18 18.20
N ALA A 13 7.68 -15.58 17.49
CA ALA A 13 7.70 -14.15 17.23
C ALA A 13 7.35 -13.35 18.49
N LEU A 14 6.40 -13.87 19.27
CA LEU A 14 5.96 -13.20 20.48
C LEU A 14 7.10 -13.06 21.48
N SER A 15 7.97 -14.07 21.53
CA SER A 15 9.19 -13.99 22.32
C SER A 15 9.97 -12.72 21.97
N LEU A 16 10.25 -12.56 20.68
CA LEU A 16 10.95 -11.38 20.17
C LEU A 16 10.23 -10.10 20.55
N VAL A 17 8.90 -10.12 20.46
CA VAL A 17 8.13 -8.93 20.81
C VAL A 17 8.36 -8.53 22.26
N LYS A 18 8.36 -9.52 23.15
CA LYS A 18 8.54 -9.24 24.56
C LYS A 18 9.98 -8.81 24.87
N ASP A 19 10.94 -9.32 24.11
CA ASP A 19 12.31 -8.82 24.20
C ASP A 19 12.37 -7.37 23.70
N GLY A 20 11.59 -7.09 22.66
CA GLY A 20 11.58 -5.78 22.03
C GLY A 20 12.41 -5.78 20.76
N ASP A 21 12.60 -6.98 20.20
CA ASP A 21 13.49 -7.15 19.06
C ASP A 21 12.77 -7.15 17.72
N VAL A 22 11.48 -6.80 17.72
CA VAL A 22 10.76 -6.64 16.46
C VAL A 22 10.31 -5.19 16.31
N ALA A 23 10.75 -4.56 15.23
CA ALA A 23 10.49 -3.14 15.03
C ALA A 23 9.42 -2.91 13.99
N CYS A 24 8.76 -1.75 14.08
CA CYS A 24 7.76 -1.37 13.10
C CYS A 24 7.73 0.14 12.93
N ARG A 25 7.41 0.58 11.72
CA ARG A 25 7.34 2.00 11.43
C ARG A 25 6.09 2.62 12.04
N SER A 26 4.95 1.99 11.82
CA SER A 26 3.69 2.48 12.35
C SER A 26 2.84 1.33 12.87
N LEU A 27 2.41 1.45 14.12
CA LEU A 27 1.48 0.49 14.71
C LEU A 27 0.16 0.52 13.96
N ARG A 28 -0.23 -0.62 13.42
CA ARG A 28 -1.48 -0.74 12.68
C ARG A 28 -2.47 -1.63 13.42
N THR A 29 -2.33 -1.67 14.75
CA THR A 29 -3.12 -2.56 15.59
C THR A 29 -4.62 -2.40 15.40
N GLU A 30 -5.12 -1.18 15.49
CA GLU A 30 -6.55 -0.94 15.37
C GLU A 30 -7.04 -1.08 13.93
N LEU A 31 -6.26 -0.57 12.99
CA LEU A 31 -6.62 -0.64 11.57
C LEU A 31 -6.75 -2.08 11.09
N LEU A 32 -5.76 -2.90 11.43
CA LEU A 32 -5.74 -4.29 10.99
C LEU A 32 -6.48 -5.21 11.96
N GLU A 33 -7.13 -4.59 12.94
CA GLU A 33 -7.99 -5.29 13.90
C GLU A 33 -7.30 -6.44 14.63
N CYS A 34 -6.11 -6.16 15.15
CA CYS A 34 -5.42 -7.12 15.99
C CYS A 34 -5.88 -6.97 17.44
N TYR A 35 -5.54 -7.95 18.28
CA TYR A 35 -5.98 -7.93 19.66
C TYR A 35 -5.22 -6.91 20.50
N SER A 36 -3.95 -6.72 20.18
CA SER A 36 -3.08 -5.82 20.91
C SER A 36 -1.88 -5.43 20.07
N ASP A 37 -1.12 -4.45 20.54
CA ASP A 37 0.12 -4.04 19.87
C ASP A 37 1.08 -5.23 19.78
N GLN A 38 1.12 -6.01 20.86
CA GLN A 38 1.95 -7.20 20.95
C GLN A 38 1.57 -8.20 19.86
N ASP A 39 0.27 -8.45 19.75
CA ASP A 39 -0.30 -9.33 18.75
C ASP A 39 0.07 -8.86 17.35
N PHE A 40 -0.09 -7.56 17.12
CA PHE A 40 0.28 -6.95 15.86
C PHE A 40 1.73 -7.20 15.51
N LEU A 41 2.63 -6.97 16.46
CA LEU A 41 4.06 -7.13 16.21
C LEU A 41 4.44 -8.58 15.92
N ALA A 42 3.89 -9.51 16.69
CA ALA A 42 4.10 -10.93 16.43
C ALA A 42 3.68 -11.32 15.01
N LYS A 43 2.42 -11.02 14.69
CA LYS A 43 1.89 -11.31 13.37
C LYS A 43 2.70 -10.63 12.27
N LEU A 44 3.22 -9.45 12.59
CA LEU A 44 4.03 -8.66 11.66
C LEU A 44 5.33 -9.37 11.30
N HIS A 45 6.04 -9.85 12.32
CA HIS A 45 7.24 -10.64 12.11
C HIS A 45 6.93 -11.85 11.23
N CYS A 46 5.83 -12.54 11.56
CA CYS A 46 5.43 -13.71 10.79
C CYS A 46 5.14 -13.39 9.32
N VAL A 47 4.40 -12.32 9.08
CA VAL A 47 4.07 -11.86 7.74
C VAL A 47 5.33 -11.53 6.93
N ARG A 48 6.24 -10.81 7.57
CA ARG A 48 7.53 -10.53 6.95
C ARG A 48 8.24 -11.79 6.48
N GLN A 49 8.33 -12.79 7.37
CA GLN A 49 8.94 -14.06 6.97
C GLN A 49 8.20 -14.70 5.79
N ALA A 50 6.87 -14.67 5.87
CA ALA A 50 6.02 -15.24 4.83
C ALA A 50 6.30 -14.63 3.46
N PHE A 51 6.36 -13.31 3.37
CA PHE A 51 6.62 -12.66 2.10
C PHE A 51 8.06 -12.87 1.66
N GLN A 52 8.98 -12.90 2.61
CA GLN A 52 10.37 -13.17 2.29
C GLN A 52 10.51 -14.51 1.58
N VAL A 53 9.74 -15.50 2.02
CA VAL A 53 9.74 -16.79 1.36
C VAL A 53 8.99 -16.75 0.03
N LEU A 54 7.82 -16.12 0.06
CA LEU A 54 6.93 -16.07 -1.09
C LEU A 54 7.57 -15.45 -2.32
N LEU A 55 8.35 -14.39 -2.11
CA LEU A 55 8.87 -13.61 -3.22
C LEU A 55 10.18 -14.12 -3.81
N LEU A 56 10.67 -15.25 -3.30
CA LEU A 56 11.81 -15.90 -3.93
C LEU A 56 11.34 -16.53 -5.24
N ASP A 57 10.16 -17.17 -5.18
CA ASP A 57 9.53 -17.72 -6.37
C ASP A 57 9.17 -16.58 -7.31
N GLU A 58 9.73 -16.64 -8.52
CA GLU A 58 9.59 -15.54 -9.46
C GLU A 58 8.17 -15.47 -10.03
N THR A 59 7.49 -16.61 -10.05
CA THR A 59 6.10 -16.68 -10.48
C THR A 59 5.22 -15.75 -9.65
N HIS A 60 5.45 -15.76 -8.34
CA HIS A 60 4.66 -14.97 -7.40
C HIS A 60 5.00 -13.49 -7.50
N ARG A 61 6.29 -13.19 -7.64
CA ARG A 61 6.73 -11.81 -7.89
C ARG A 61 5.99 -11.26 -9.10
N MSE A 62 5.95 -12.05 -10.16
CA MSE A 62 5.22 -11.68 -11.36
C MSE A 62 3.74 -11.48 -11.08
O MSE A 62 3.12 -10.56 -11.61
CB MSE A 62 5.40 -12.74 -12.45
CG MSE A 62 6.75 -12.68 -13.14
SE MSE A 62 6.82 -13.83 -14.70
CE MSE A 62 8.60 -13.36 -15.34
N PHE A 63 3.17 -12.34 -10.24
CA PHE A 63 1.77 -12.20 -9.87
C PHE A 63 1.49 -10.84 -9.26
N PHE A 64 2.31 -10.45 -8.29
CA PHE A 64 2.09 -9.18 -7.61
C PHE A 64 2.32 -7.98 -8.54
N MSE A 65 3.39 -8.03 -9.32
CA MSE A 65 3.67 -6.98 -10.31
C MSE A 65 2.50 -6.76 -11.26
O MSE A 65 1.98 -5.63 -11.41
CB MSE A 65 4.93 -7.31 -11.10
CG MSE A 65 6.22 -7.21 -10.33
SE MSE A 65 7.74 -7.86 -11.35
CE MSE A 65 9.18 -7.33 -10.16
N GLU A 66 2.08 -7.84 -11.91
CA GLU A 66 0.98 -7.82 -12.85
C GLU A 66 -0.32 -7.35 -12.19
N THR A 67 -0.54 -7.80 -10.95
CA THR A 67 -1.73 -7.42 -10.20
C THR A 67 -1.79 -5.92 -9.97
N GLY A 68 -0.69 -5.36 -9.50
CA GLY A 68 -0.61 -3.92 -9.28
C GLY A 68 -0.87 -3.15 -10.55
N LYS A 69 -0.17 -3.56 -11.61
CA LYS A 69 -0.35 -2.95 -12.92
C LYS A 69 -1.83 -2.90 -13.32
N GLN A 70 -2.46 -4.08 -13.36
CA GLN A 70 -3.84 -4.19 -13.80
C GLN A 70 -4.84 -3.45 -12.91
N MSE A 71 -4.65 -3.50 -11.60
CA MSE A 71 -5.63 -2.89 -10.70
C MSE A 71 -5.58 -1.37 -10.79
O MSE A 71 -6.62 -0.69 -10.83
CB MSE A 71 -5.44 -3.37 -9.26
CG MSE A 71 -4.17 -2.92 -8.57
SE MSE A 71 -4.06 -3.58 -6.73
CE MSE A 71 -3.27 -2.02 -5.89
N ILE A 72 -4.36 -0.83 -10.85
CA ILE A 72 -4.25 0.63 -10.97
C ILE A 72 -4.75 1.09 -12.34
N SER A 73 -4.43 0.32 -13.38
CA SER A 73 -4.93 0.62 -14.72
C SER A 73 -6.46 0.68 -14.73
N GLY A 74 -7.08 -0.38 -14.23
CA GLY A 74 -8.54 -0.45 -14.15
C GLY A 74 -9.14 0.73 -13.42
N LEU A 75 -8.55 1.08 -12.28
CA LEU A 75 -8.99 2.26 -11.55
C LEU A 75 -8.92 3.51 -12.42
N LEU A 76 -7.81 3.65 -13.13
CA LEU A 76 -7.57 4.83 -13.96
C LEU A 76 -8.58 4.96 -15.09
N VAL A 77 -8.80 3.88 -15.84
CA VAL A 77 -9.75 3.95 -16.94
C VAL A 77 -11.17 4.10 -16.42
N LYS A 78 -11.45 3.56 -15.24
CA LYS A 78 -12.75 3.77 -14.61
C LYS A 78 -12.86 5.21 -14.11
N ALA A 79 -11.75 5.93 -14.09
CA ALA A 79 -11.77 7.35 -13.78
C ALA A 79 -11.75 8.19 -15.05
N ASN A 80 -11.99 7.55 -16.19
CA ASN A 80 -11.95 8.20 -17.50
C ASN A 80 -10.60 8.85 -17.77
N LYS A 81 -9.54 8.16 -17.38
CA LYS A 81 -8.17 8.63 -17.58
C LYS A 81 -7.37 7.62 -18.37
N SER A 82 -6.33 8.09 -19.06
CA SER A 82 -5.44 7.19 -19.81
C SER A 82 -4.35 6.64 -18.92
N PRO A 83 -4.15 5.31 -18.96
CA PRO A 83 -3.18 4.65 -18.10
C PRO A 83 -1.74 4.59 -18.65
N LYS A 84 -1.50 5.14 -19.83
CA LYS A 84 -0.18 5.03 -20.47
C LYS A 84 0.96 5.56 -19.60
N ALA A 85 0.76 6.76 -19.07
CA ALA A 85 1.74 7.41 -18.20
C ALA A 85 2.07 6.55 -16.99
N PHE A 86 1.04 6.17 -16.25
CA PHE A 86 1.22 5.28 -15.11
C PHE A 86 1.90 3.99 -15.50
N LEU A 87 1.50 3.41 -16.63
CA LEU A 87 2.07 2.15 -17.08
C LEU A 87 3.57 2.26 -17.28
N GLU A 88 4.00 3.35 -17.90
CA GLU A 88 5.43 3.52 -18.15
C GLU A 88 6.19 3.79 -16.86
N SER A 89 5.65 4.66 -16.01
CA SER A 89 6.30 4.98 -14.74
C SER A 89 6.43 3.74 -13.85
N TYR A 90 5.38 2.95 -13.81
CA TYR A 90 5.34 1.70 -13.07
C TYR A 90 6.37 0.73 -13.62
N GLU A 91 6.38 0.61 -14.93
CA GLU A 91 7.31 -0.29 -15.60
C GLU A 91 8.76 0.03 -15.25
N ASP A 92 9.22 1.26 -15.52
CA ASP A 92 10.63 1.53 -15.26
C ASP A 92 10.93 1.67 -13.78
N MSE A 93 9.89 1.86 -12.96
CA MSE A 93 10.03 1.70 -11.51
C MSE A 93 10.49 0.28 -11.21
O MSE A 93 11.47 0.07 -10.50
CB MSE A 93 8.71 2.00 -10.80
CG MSE A 93 8.63 1.58 -9.33
SE MSE A 93 10.03 2.31 -8.20
CE MSE A 93 9.19 2.07 -6.46
N LEU A 94 9.78 -0.69 -11.79
CA LEU A 94 10.15 -2.09 -11.63
C LEU A 94 11.55 -2.39 -12.19
N GLN A 95 11.83 -1.88 -13.39
CA GLN A 95 13.15 -2.11 -13.99
C GLN A 95 14.27 -1.50 -13.15
N TYR A 96 13.96 -0.42 -12.43
CA TYR A 96 14.94 0.17 -11.52
C TYR A 96 15.12 -0.71 -10.29
N THR A 97 14.01 -1.27 -9.82
CA THR A 97 14.04 -2.14 -8.65
C THR A 97 14.83 -3.43 -8.90
N GLN A 98 14.70 -3.99 -10.10
CA GLN A 98 15.38 -5.23 -10.44
C GLN A 98 16.90 -5.10 -10.45
N ARG A 99 17.39 -3.91 -10.77
CA ARG A 99 18.82 -3.63 -10.69
C ARG A 99 19.30 -3.81 -9.26
N GLU A 100 20.18 -4.78 -9.06
CA GLU A 100 20.63 -5.14 -7.70
C GLU A 100 21.50 -4.06 -7.07
N GLU A 101 22.14 -3.25 -7.91
CA GLU A 101 23.09 -2.25 -7.42
C GLU A 101 22.39 -1.04 -6.83
N THR A 102 21.10 -0.90 -7.10
CA THR A 102 20.32 0.23 -6.61
C THR A 102 19.93 0.06 -5.15
N TRP A 103 19.99 -1.19 -4.68
CA TRP A 103 19.38 -1.54 -3.40
C TRP A 103 20.04 -0.99 -2.13
N PRO A 104 21.38 -0.82 -2.12
CA PRO A 104 21.93 -0.15 -0.93
C PRO A 104 21.38 1.27 -0.75
N VAL A 105 21.33 2.02 -1.85
CA VAL A 105 20.85 3.38 -1.84
C VAL A 105 19.37 3.42 -1.46
N SER A 106 18.59 2.52 -2.06
CA SER A 106 17.17 2.38 -1.75
C SER A 106 16.97 2.13 -0.26
N LYS A 107 17.80 1.25 0.28
CA LYS A 107 17.79 0.96 1.71
C LYS A 107 18.03 2.23 2.50
N MSE A 108 18.98 3.05 2.04
CA MSE A 108 19.26 4.32 2.71
C MSE A 108 18.04 5.24 2.72
O MSE A 108 17.72 5.81 3.75
CB MSE A 108 20.43 5.04 2.06
CG MSE A 108 20.85 6.29 2.84
SE MSE A 108 21.37 7.80 1.72
CE MSE A 108 19.68 8.14 0.84
N GLU A 109 17.41 5.40 1.55
CA GLU A 109 16.26 6.28 1.44
C GLU A 109 15.12 5.83 2.35
N LEU A 110 14.73 4.57 2.17
CA LEU A 110 13.60 4.02 2.91
C LEU A 110 13.84 4.04 4.42
N GLU A 111 15.06 3.72 4.84
CA GLU A 111 15.39 3.85 6.26
C GLU A 111 15.30 5.29 6.70
N GLY A 112 15.71 6.20 5.82
CA GLY A 112 15.64 7.62 6.09
C GLY A 112 14.21 8.10 6.22
N ARG A 113 13.27 7.30 5.72
CA ARG A 113 11.85 7.64 5.87
C ARG A 113 11.15 6.78 6.92
N GLY A 114 11.90 5.98 7.65
CA GLY A 114 11.36 5.24 8.78
C GLY A 114 11.07 3.77 8.54
N VAL A 115 11.28 3.30 7.32
CA VAL A 115 11.07 1.89 7.01
C VAL A 115 12.11 1.05 7.72
N VAL A 116 11.67 0.20 8.63
CA VAL A 116 12.58 -0.53 9.50
C VAL A 116 12.93 -1.93 8.98
N CYS A 117 12.45 -2.27 7.79
CA CYS A 117 12.70 -3.59 7.23
C CYS A 117 12.54 -3.61 5.72
N MSE A 118 13.51 -4.20 5.02
CA MSE A 118 13.45 -4.32 3.57
C MSE A 118 12.52 -5.45 3.16
O MSE A 118 12.98 -6.50 2.72
CB MSE A 118 14.84 -4.54 2.98
CG MSE A 118 15.77 -3.34 3.07
SE MSE A 118 15.07 -1.79 2.14
CE MSE A 118 14.51 -0.77 3.69
N ASN A 119 11.22 -5.22 3.32
CA ASN A 119 10.23 -6.27 3.07
C ASN A 119 9.06 -5.74 2.26
N PHE A 120 8.42 -6.63 1.50
CA PHE A 120 7.26 -6.30 0.69
C PHE A 120 6.17 -5.62 1.51
N PHE A 121 5.93 -6.12 2.72
CA PHE A 121 4.93 -5.53 3.59
C PHE A 121 5.32 -4.12 3.98
N ASP A 122 6.54 -3.97 4.50
CA ASP A 122 7.02 -2.69 5.00
C ASP A 122 7.09 -1.61 3.93
N ILE A 123 7.46 -2.02 2.71
CA ILE A 123 7.66 -1.08 1.63
C ILE A 123 6.38 -0.83 0.82
N VAL A 124 5.80 -1.88 0.27
CA VAL A 124 4.66 -1.73 -0.62
C VAL A 124 3.33 -1.57 0.12
N LEU A 125 3.09 -2.44 1.10
CA LEU A 125 1.79 -2.48 1.75
C LEU A 125 1.63 -1.39 2.80
N ASP A 126 2.66 -1.18 3.60
CA ASP A 126 2.57 -0.21 4.69
C ASP A 126 3.02 1.19 4.26
N PHE A 127 4.18 1.28 3.63
CA PHE A 127 4.76 2.58 3.30
C PHE A 127 4.11 3.23 2.09
N ILE A 128 3.70 2.43 1.12
CA ILE A 128 3.17 2.96 -0.13
C ILE A 128 1.65 3.03 -0.13
N LEU A 129 0.99 1.95 0.26
CA LEU A 129 -0.48 1.90 0.18
C LEU A 129 -1.17 2.54 1.38
N MSE A 130 -0.92 2.00 2.57
CA MSE A 130 -1.64 2.44 3.77
C MSE A 130 -1.32 3.87 4.12
O MSE A 130 -2.14 4.57 4.71
CB MSE A 130 -1.32 1.52 4.95
CG MSE A 130 -2.06 0.21 4.92
SE MSE A 130 -1.05 -1.22 5.74
CE MSE A 130 -1.95 -1.27 7.46
N ASP A 131 -0.12 4.33 3.75
CA ASP A 131 0.25 5.72 3.95
C ASP A 131 -0.48 6.63 2.98
N ALA A 132 -0.67 6.15 1.75
CA ALA A 132 -1.44 6.89 0.76
C ALA A 132 -2.87 7.07 1.23
N PHE A 133 -3.45 5.98 1.71
CA PHE A 133 -4.80 6.02 2.24
C PHE A 133 -4.91 6.94 3.46
N GLU A 134 -3.92 6.85 4.35
CA GLU A 134 -3.92 7.67 5.55
C GLU A 134 -3.71 9.15 5.18
N ASP A 135 -3.14 9.39 4.00
CA ASP A 135 -2.89 10.75 3.53
C ASP A 135 -4.14 11.36 2.92
N LEU A 136 -4.86 10.58 2.13
CA LEU A 136 -6.09 11.07 1.51
C LEU A 136 -7.25 11.02 2.50
N GLU A 137 -6.95 10.62 3.73
CA GLU A 137 -7.92 10.63 4.82
C GLU A 137 -8.00 12.01 5.45
N SER A 138 -6.97 12.82 5.23
CA SER A 138 -6.87 14.12 5.86
C SER A 138 -6.20 15.16 4.97
N PRO A 139 -6.97 15.76 4.06
CA PRO A 139 -6.45 16.80 3.16
C PRO A 139 -6.16 18.11 3.88
N PRO A 140 -5.32 18.98 3.30
CA PRO A 140 -4.93 20.25 3.91
C PRO A 140 -6.11 21.16 4.29
N SER A 141 -5.90 21.95 5.34
CA SER A 141 -6.78 23.05 5.74
C SER A 141 -7.43 23.79 4.57
N SER A 142 -6.63 24.10 3.55
CA SER A 142 -7.10 24.95 2.45
C SER A 142 -8.04 24.19 1.51
N VAL A 143 -7.55 23.05 1.03
CA VAL A 143 -8.24 22.21 0.07
C VAL A 143 -9.69 21.96 0.42
N VAL A 144 -9.93 21.58 1.66
CA VAL A 144 -11.28 21.33 2.17
C VAL A 144 -12.16 22.56 1.97
N ALA A 145 -11.65 23.72 2.37
CA ALA A 145 -12.37 24.98 2.22
C ALA A 145 -12.73 25.24 0.76
N VAL A 146 -11.81 24.90 -0.15
CA VAL A 146 -12.13 25.05 -1.57
C VAL A 146 -13.23 24.05 -1.98
N LEU A 147 -13.22 22.89 -1.34
CA LEU A 147 -14.18 21.83 -1.66
C LEU A 147 -15.60 22.16 -1.20
N ARG A 148 -15.73 22.83 -0.06
CA ARG A 148 -17.06 23.18 0.47
C ARG A 148 -17.56 24.48 -0.13
N ASN A 149 -16.86 25.00 -1.13
CA ASN A 149 -17.28 26.22 -1.80
C ASN A 149 -18.40 25.94 -2.81
N ARG A 150 -19.57 26.50 -2.54
CA ARG A 150 -20.76 26.34 -3.38
C ARG A 150 -20.61 27.01 -4.74
N TRP A 151 -19.71 27.98 -4.83
CA TRP A 151 -19.64 28.86 -5.99
C TRP A 151 -18.69 28.35 -7.08
N LEU A 152 -17.91 27.34 -6.73
CA LEU A 152 -16.94 26.81 -7.67
C LEU A 152 -17.50 25.67 -8.50
N SER A 153 -17.34 25.78 -9.81
CA SER A 153 -17.62 24.65 -10.68
C SER A 153 -16.68 23.50 -10.30
N ASP A 154 -17.11 22.28 -10.55
CA ASP A 154 -16.36 21.14 -10.07
C ASP A 154 -15.30 20.70 -11.08
N SER A 155 -15.31 21.28 -12.28
CA SER A 155 -14.14 21.21 -13.13
C SER A 155 -13.01 21.98 -12.47
N PHE A 156 -13.36 23.16 -11.95
CA PHE A 156 -12.43 23.99 -11.22
C PHE A 156 -11.96 23.26 -9.97
N LYS A 157 -12.87 22.57 -9.30
CA LYS A 157 -12.51 21.80 -8.11
C LYS A 157 -11.58 20.65 -8.49
N GLU A 158 -11.77 20.12 -9.69
CA GLU A 158 -10.88 19.08 -10.21
C GLU A 158 -9.46 19.62 -10.36
N THR A 159 -9.30 20.66 -11.15
CA THR A 159 -7.97 21.22 -11.39
C THR A 159 -7.34 21.77 -10.10
N ALA A 160 -8.19 22.23 -9.18
CA ALA A 160 -7.72 22.74 -7.89
C ALA A 160 -7.15 21.64 -7.02
N LEU A 161 -7.89 20.53 -6.93
CA LEU A 161 -7.42 19.38 -6.16
C LEU A 161 -6.14 18.82 -6.78
N ALA A 162 -6.09 18.79 -8.10
CA ALA A 162 -4.89 18.36 -8.82
C ALA A 162 -3.69 19.23 -8.46
N THR A 163 -3.89 20.54 -8.50
CA THR A 163 -2.85 21.49 -8.14
C THR A 163 -2.36 21.26 -6.71
N ALA A 164 -3.31 21.01 -5.80
CA ALA A 164 -2.96 20.76 -4.40
C ALA A 164 -2.09 19.51 -4.25
N CYS A 165 -2.48 18.45 -4.97
CA CYS A 165 -1.71 17.22 -4.97
C CYS A 165 -0.30 17.46 -5.47
N TRP A 166 -0.18 18.22 -6.56
CA TRP A 166 1.13 18.50 -7.11
C TRP A 166 1.96 19.33 -6.13
N SER A 167 1.32 20.21 -5.38
CA SER A 167 2.01 21.04 -4.42
C SER A 167 2.60 20.19 -3.29
N VAL A 168 1.78 19.29 -2.75
CA VAL A 168 2.24 18.40 -1.69
C VAL A 168 3.39 17.51 -2.19
N LEU A 169 3.22 16.95 -3.37
CA LEU A 169 4.24 16.10 -3.97
C LEU A 169 5.53 16.89 -4.25
N LYS A 170 5.37 18.18 -4.52
CA LYS A 170 6.49 19.07 -4.79
C LYS A 170 7.31 19.30 -3.54
N ALA A 171 6.61 19.67 -2.47
CA ALA A 171 7.24 19.84 -1.17
C ALA A 171 7.93 18.56 -0.74
N LYS A 172 7.33 17.42 -1.06
CA LYS A 172 7.97 16.13 -0.77
C LYS A 172 9.22 15.90 -1.61
N ARG A 173 9.17 16.29 -2.88
CA ARG A 173 10.29 16.10 -3.78
C ARG A 173 11.48 16.94 -3.38
N ARG A 174 11.21 18.10 -2.79
CA ARG A 174 12.28 18.97 -2.31
C ARG A 174 13.17 18.29 -1.28
N LEU A 175 12.60 17.31 -0.57
CA LEU A 175 13.32 16.64 0.52
C LEU A 175 14.00 15.34 0.09
N LEU A 176 13.99 15.05 -1.21
CA LEU A 176 14.60 13.83 -1.71
C LEU A 176 16.10 13.78 -1.44
N MSE A 177 16.54 12.74 -0.75
CA MSE A 177 17.97 12.53 -0.51
C MSE A 177 18.68 12.19 -1.81
O MSE A 177 19.88 12.42 -1.95
CB MSE A 177 18.17 11.40 0.50
CG MSE A 177 17.93 11.80 1.95
SE MSE A 177 17.82 10.25 3.13
CE MSE A 177 15.98 9.73 2.78
N VAL A 178 17.93 11.65 -2.77
CA VAL A 178 18.47 11.27 -4.07
C VAL A 178 17.50 11.67 -5.18
N PRO A 179 18.01 12.37 -6.21
CA PRO A 179 17.19 12.84 -7.33
C PRO A 179 16.54 11.74 -8.14
N ASP A 180 17.29 10.68 -8.45
CA ASP A 180 16.77 9.58 -9.27
C ASP A 180 16.93 8.24 -8.56
N GLY A 181 16.17 8.04 -7.50
CA GLY A 181 16.24 6.81 -6.74
C GLY A 181 14.88 6.16 -6.58
N PHE A 182 14.76 5.31 -5.55
CA PHE A 182 13.53 4.58 -5.28
C PHE A 182 12.34 5.52 -5.09
N ILE A 183 12.49 6.45 -4.15
CA ILE A 183 11.39 7.31 -3.75
C ILE A 183 11.01 8.32 -4.83
N ALA A 184 11.97 8.70 -5.67
CA ALA A 184 11.67 9.58 -6.80
C ALA A 184 10.87 8.84 -7.85
N HIS A 185 11.39 7.68 -8.24
CA HIS A 185 10.71 6.76 -9.15
C HIS A 185 9.29 6.49 -8.69
N PHE A 186 9.11 6.44 -7.39
CA PHE A 186 7.78 6.24 -6.82
C PHE A 186 6.96 7.52 -6.86
N TYR A 187 7.62 8.66 -6.73
CA TYR A 187 6.94 9.94 -6.73
C TYR A 187 6.36 10.25 -8.10
N VAL A 188 6.93 9.67 -9.15
CA VAL A 188 6.33 9.83 -10.48
C VAL A 188 5.01 9.06 -10.57
N ILE A 189 5.03 7.80 -10.13
CA ILE A 189 3.82 6.99 -10.05
C ILE A 189 2.75 7.71 -9.24
N SER A 190 3.14 8.19 -8.06
CA SER A 190 2.26 8.96 -7.21
C SER A 190 1.73 10.19 -7.94
N GLU A 191 2.58 10.79 -8.77
CA GLU A 191 2.20 11.94 -9.56
C GLU A 191 1.05 11.58 -10.49
N HIS A 192 1.08 10.38 -11.04
CA HIS A 192 0.04 9.96 -11.99
C HIS A 192 -1.17 9.28 -11.36
N VAL A 193 -1.07 8.89 -10.08
CA VAL A 193 -2.15 8.12 -9.47
C VAL A 193 -2.88 8.89 -8.36
N SER A 194 -2.12 9.58 -7.51
CA SER A 194 -2.69 10.27 -6.35
C SER A 194 -3.82 11.26 -6.65
N PRO A 195 -3.72 12.05 -7.74
CA PRO A 195 -4.84 12.94 -8.03
C PRO A 195 -6.19 12.21 -8.21
N VAL A 196 -6.17 11.11 -8.95
CA VAL A 196 -7.36 10.32 -9.20
C VAL A 196 -8.01 9.84 -7.90
N LEU A 197 -7.21 9.20 -7.06
CA LEU A 197 -7.66 8.72 -5.76
C LEU A 197 -8.18 9.85 -4.90
N ALA A 198 -7.48 10.97 -4.92
CA ALA A 198 -7.86 12.14 -4.12
C ALA A 198 -9.22 12.67 -4.53
N PHE A 199 -9.45 12.78 -5.85
CA PHE A 199 -10.71 13.28 -6.34
C PHE A 199 -11.81 12.23 -6.22
N GLY A 200 -11.42 10.99 -5.99
CA GLY A 200 -12.39 9.95 -5.70
C GLY A 200 -12.84 10.02 -4.26
N PHE A 201 -11.90 10.24 -3.35
CA PHE A 201 -12.20 10.22 -1.92
C PHE A 201 -12.75 11.55 -1.42
N LEU A 202 -12.53 12.62 -2.17
CA LEU A 202 -12.97 13.93 -1.72
C LEU A 202 -13.96 14.58 -2.70
N GLY A 203 -13.95 14.12 -3.94
CA GLY A 203 -14.77 14.72 -4.98
C GLY A 203 -16.23 14.31 -4.96
N PRO A 204 -17.07 15.03 -5.73
CA PRO A 204 -18.51 14.81 -5.80
C PRO A 204 -18.98 14.04 -7.05
N HIS A 205 -18.08 13.28 -7.67
CA HIS A 205 -18.40 12.49 -8.86
C HIS A 205 -19.44 11.43 -8.53
N GLN A 206 -19.21 10.74 -7.41
CA GLN A 206 -20.15 9.81 -6.78
C GLN A 206 -20.17 8.48 -7.51
N HIS A 207 -19.48 8.43 -8.63
CA HIS A 207 -19.25 7.12 -9.19
C HIS A 207 -17.76 6.84 -9.30
N LEU A 208 -16.97 7.90 -9.30
CA LEU A 208 -15.55 7.79 -9.03
C LEU A 208 -15.38 7.50 -7.55
N SER A 209 -16.27 8.07 -6.75
CA SER A 209 -16.27 7.90 -5.31
C SER A 209 -16.47 6.44 -4.92
N GLU A 210 -17.47 5.80 -5.51
CA GLU A 210 -17.78 4.41 -5.20
C GLU A 210 -16.63 3.49 -5.59
N VAL A 211 -16.12 3.68 -6.80
CA VAL A 211 -15.00 2.87 -7.30
C VAL A 211 -13.79 2.99 -6.39
N CYS A 212 -13.46 4.22 -6.00
CA CYS A 212 -12.30 4.44 -5.13
C CYS A 212 -12.52 3.84 -3.74
N THR A 213 -13.69 4.11 -3.18
CA THR A 213 -14.06 3.59 -1.86
C THR A 213 -13.95 2.07 -1.81
N ILE A 214 -14.43 1.42 -2.87
CA ILE A 214 -14.42 -0.03 -2.92
C ILE A 214 -13.00 -0.56 -3.15
N PHE A 215 -12.22 0.16 -3.95
CA PHE A 215 -10.80 -0.15 -4.12
C PHE A 215 -10.08 -0.19 -2.77
N LYS A 216 -10.15 0.93 -2.05
CA LYS A 216 -9.57 1.04 -0.72
C LYS A 216 -10.09 -0.05 0.22
N GLN A 217 -11.39 -0.31 0.15
CA GLN A 217 -12.01 -1.35 0.97
C GLN A 217 -11.39 -2.72 0.71
N GLN A 218 -11.17 -3.02 -0.56
CA GLN A 218 -10.58 -4.29 -0.95
C GLN A 218 -9.15 -4.42 -0.41
N ILE A 219 -8.36 -3.37 -0.56
CA ILE A 219 -6.98 -3.40 -0.06
C ILE A 219 -6.92 -3.56 1.48
N VAL A 220 -7.65 -2.70 2.17
CA VAL A 220 -7.66 -2.73 3.63
C VAL A 220 -8.17 -4.07 4.15
N GLN A 221 -9.19 -4.61 3.49
CA GLN A 221 -9.73 -5.92 3.87
C GLN A 221 -8.70 -7.02 3.64
N TYR A 222 -7.97 -6.92 2.54
CA TYR A 222 -6.87 -7.83 2.25
C TYR A 222 -5.86 -7.84 3.40
N LEU A 223 -5.53 -6.66 3.90
CA LEU A 223 -4.56 -6.57 5.00
C LEU A 223 -5.10 -7.09 6.34
N LYS A 224 -6.35 -6.74 6.64
CA LYS A 224 -7.04 -7.28 7.81
C LYS A 224 -7.03 -8.80 7.80
N ASP A 225 -7.46 -9.37 6.69
CA ASP A 225 -7.48 -10.82 6.48
C ASP A 225 -6.11 -11.42 6.67
N MSE A 226 -5.11 -10.73 6.14
CA MSE A 226 -3.72 -11.14 6.28
C MSE A 226 -3.27 -11.18 7.74
O MSE A 226 -2.39 -11.97 8.10
CB MSE A 226 -2.84 -10.21 5.47
CG MSE A 226 -1.37 -10.36 5.71
SE MSE A 226 -0.46 -9.02 4.67
CE MSE A 226 -1.02 -9.60 2.92
N PHE A 227 -3.87 -10.35 8.58
CA PHE A 227 -3.56 -10.39 10.01
C PHE A 227 -4.62 -11.10 10.85
N ASP A 228 -5.40 -11.96 10.20
CA ASP A 228 -6.44 -12.72 10.88
C ASP A 228 -5.96 -14.15 11.14
N HIS A 229 -5.81 -14.51 12.41
CA HIS A 229 -5.25 -15.81 12.77
C HIS A 229 -6.21 -16.96 12.46
N ASP A 230 -7.45 -16.61 12.14
CA ASP A 230 -8.44 -17.60 11.75
C ASP A 230 -8.59 -17.70 10.24
N LYS A 231 -8.05 -16.70 9.54
CA LYS A 231 -8.09 -16.68 8.08
C LYS A 231 -6.82 -17.32 7.53
N VAL A 232 -5.69 -17.03 8.18
CA VAL A 232 -4.41 -17.60 7.79
C VAL A 232 -3.74 -18.27 8.99
N ARG A 233 -2.88 -19.25 8.72
CA ARG A 233 -2.24 -20.02 9.78
C ARG A 233 -0.88 -19.46 10.19
N PHE A 234 -0.79 -18.91 11.40
CA PHE A 234 0.46 -18.39 11.92
C PHE A 234 1.28 -19.48 12.62
N THR A 235 1.13 -20.71 12.16
CA THR A 235 1.79 -21.85 12.78
C THR A 235 3.22 -22.03 12.28
N SER A 236 3.35 -22.13 10.96
CA SER A 236 4.66 -22.24 10.33
C SER A 236 4.77 -21.27 9.15
N VAL A 237 6.00 -20.97 8.74
CA VAL A 237 6.24 -20.07 7.61
C VAL A 237 5.72 -20.62 6.28
N PRO A 238 5.96 -21.92 5.99
CA PRO A 238 5.40 -22.42 4.72
C PRO A 238 3.87 -22.36 4.66
N SER A 239 3.22 -22.63 5.79
CA SER A 239 1.77 -22.63 5.85
C SER A 239 1.20 -21.21 5.75
N LEU A 240 1.81 -20.29 6.48
CA LEU A 240 1.41 -18.89 6.41
C LEU A 240 1.63 -18.33 5.01
N ALA A 241 2.71 -18.74 4.37
CA ALA A 241 3.00 -18.29 3.01
C ALA A 241 1.98 -18.85 2.02
N GLU A 242 1.60 -20.11 2.20
CA GLU A 242 0.56 -20.71 1.37
C GLU A 242 -0.75 -19.95 1.52
N ASP A 243 -1.15 -19.73 2.77
CA ASP A 243 -2.41 -19.07 3.07
C ASP A 243 -2.45 -17.63 2.57
N ILE A 244 -1.37 -16.90 2.77
CA ILE A 244 -1.28 -15.51 2.32
C ILE A 244 -1.27 -15.45 0.80
N LEU A 245 -0.62 -16.41 0.15
CA LEU A 245 -0.62 -16.47 -1.30
C LEU A 245 -2.04 -16.67 -1.83
N ARG A 246 -2.73 -17.67 -1.30
CA ARG A 246 -4.11 -17.96 -1.71
C ARG A 246 -5.02 -16.76 -1.45
N LEU A 247 -4.83 -16.12 -0.31
CA LEU A 247 -5.60 -14.92 0.03
C LEU A 247 -5.37 -13.82 -1.01
N SER A 248 -4.11 -13.67 -1.40
CA SER A 248 -3.72 -12.71 -2.42
C SER A 248 -4.44 -12.97 -3.72
N HIS A 249 -4.36 -14.20 -4.21
CA HIS A 249 -5.05 -14.57 -5.45
C HIS A 249 -6.56 -14.32 -5.38
N ARG A 250 -7.16 -14.73 -4.27
CA ARG A 250 -8.60 -14.57 -4.05
C ARG A 250 -9.02 -13.11 -4.16
N ARG A 251 -8.43 -12.29 -3.30
CA ARG A 251 -8.80 -10.90 -3.20
C ARG A 251 -8.46 -10.14 -4.49
N ALA A 252 -7.36 -10.55 -5.12
CA ALA A 252 -7.02 -10.04 -6.45
C ALA A 252 -8.16 -10.29 -7.43
N ASP A 253 -8.57 -11.55 -7.56
CA ASP A 253 -9.68 -11.90 -8.44
C ASP A 253 -10.92 -11.05 -8.15
N ILE A 254 -11.21 -10.86 -6.87
CA ILE A 254 -12.37 -10.04 -6.49
C ILE A 254 -12.26 -8.61 -7.02
N LEU A 255 -11.10 -7.98 -6.78
CA LEU A 255 -10.91 -6.59 -7.19
C LEU A 255 -10.90 -6.45 -8.72
N MSE A 256 -10.24 -7.38 -9.40
CA MSE A 256 -10.25 -7.41 -10.86
C MSE A 256 -11.67 -7.48 -11.38
O MSE A 256 -12.07 -6.72 -12.26
CB MSE A 256 -9.48 -8.62 -11.40
CG MSE A 256 -8.03 -8.70 -10.97
SE MSE A 256 -7.03 -7.09 -11.32
CE MSE A 256 -5.24 -7.87 -11.22
N GLY A 257 -12.44 -8.41 -10.82
CA GLY A 257 -13.83 -8.57 -11.17
C GLY A 257 -14.61 -7.29 -10.99
N TYR A 258 -14.38 -6.59 -9.89
CA TYR A 258 -15.10 -5.34 -9.65
C TYR A 258 -14.71 -4.27 -10.66
N LEU A 259 -13.43 -4.24 -11.05
CA LEU A 259 -12.96 -3.21 -11.96
C LEU A 259 -13.26 -3.56 -13.43
N GLY A 260 -13.62 -4.81 -13.67
CA GLY A 260 -14.06 -5.24 -14.99
C GLY A 260 -12.96 -5.66 -15.96
N ILE A 261 -11.85 -6.15 -15.42
CA ILE A 261 -10.74 -6.60 -16.26
C ILE A 261 -10.98 -7.99 -16.80
C FMT B . -3.63 -20.07 14.63
O1 FMT B . -4.11 -19.63 15.65
O2 FMT B . -3.31 -19.33 13.60
C2 PEF C . 11.56 -6.27 -2.17
C1 PEF C . 12.29 -7.03 -1.08
N PEF C . 13.27 -7.46 -6.58
C3 PEF C . 10.42 -7.13 -2.72
C4 PEF C . 13.24 -8.59 -4.43
C5 PEF C . 13.52 -8.73 -5.93
C10 PEF C . 10.16 -4.37 -2.52
C11 PEF C . 10.71 -3.65 -3.77
C12 PEF C . 9.61 -3.54 -4.86
C13 PEF C . 9.01 -2.09 -4.84
C14 PEF C . 8.00 -1.92 -5.98
C15 PEF C . 7.11 -0.67 -5.71
C16 PEF C . 5.90 -0.67 -6.61
C17 PEF C . 5.00 0.49 -6.23
C18 PEF C . 3.56 0.26 -6.80
C19 PEF C . 2.66 1.44 -6.38
C20 PEF C . 1.24 1.28 -7.03
C21 PEF C . 0.60 2.67 -7.17
C22 PEF C . 0.20 3.20 -5.77
C23 PEF C . -0.04 4.74 -5.85
C24 PEF C . -0.41 5.26 -4.48
C25 PEF C . -0.36 6.80 -4.49
C30 PEF C . 9.04 -7.32 -4.70
C31 PEF C . 8.82 -7.37 -6.23
C32 PEF C . 7.29 -7.31 -6.52
C33 PEF C . 6.80 -5.83 -6.46
C34 PEF C . 5.24 -5.78 -6.39
C35 PEF C . 4.76 -4.36 -6.70
C36 PEF C . 3.26 -4.38 -6.96
C37 PEF C . 2.49 -4.39 -5.61
C38 PEF C . 0.98 -4.69 -5.85
C39 PEF C . 0.31 -4.96 -4.49
C40 PEF C . -0.79 -6.04 -4.66
C41 PEF C . -1.52 -6.26 -3.32
C42 PEF C . -2.31 -7.60 -3.38
C43 PEF C . -3.73 -7.36 -4.02
C44 PEF C . -4.63 -6.63 -3.02
C45 PEF C . -6.08 -6.62 -3.55
O4 PEF C . 8.97 -4.34 -2.27
O5 PEF C . 8.12 -7.61 -3.96
O2 PEF C . 11.05 -5.06 -1.64
O3 PEF C . 10.33 -6.95 -4.14
O1P PEF C . 15.31 -9.00 -1.53
O2P PEF C . 14.92 -6.60 -1.90
O3P PEF C . 12.93 -8.15 -1.66
O4P PEF C . 14.44 -8.24 -3.77
P PEF C . 14.41 -7.99 -2.21
#